data_2IXH
#
_entry.id   2IXH
#
_cell.length_a   64.915
_cell.length_b   125.537
_cell.length_c   109.366
_cell.angle_alpha   90.00
_cell.angle_beta   90.00
_cell.angle_gamma   90.00
#
_symmetry.space_group_name_H-M   'C 2 2 21'
#
loop_
_entity.id
_entity.type
_entity.pdbx_description
1 polymer 'DTDP-4-DEHYDRORHAMNOSE 3,5-EPIMERASE'
2 non-polymer "2'-DEOXY-THYMIDINE-BETA-L-RHAMNOSE"
3 water water
#
_entity_poly.entity_id   1
_entity_poly.type   'polypeptide(L)'
_entity_poly.pdbx_seq_one_letter_code
;SMAMKATRLAIPDVILFEPRVFGDDRGFFFESYNQRAFEEACGHPVSFVQDNHSRSARGVLRGLHYQIRQAQGKLVRATL
GEVFDVAVDLRRGSPTFGQWVGERLSAENKRQMWIPAGFAHGFVVLSEYAEFLYKTTDFWAPEHERCIVWNDPELKIDWP
LQDAPLLSEKDRQGKAFADADCFP
;
_entity_poly.pdbx_strand_id   A,B
#
# COMPACT_ATOMS: atom_id res chain seq x y z
N SER A 1 11.81 16.37 -1.73
CA SER A 1 13.28 16.65 -1.72
C SER A 1 13.87 16.62 -0.30
N MET A 2 15.16 16.33 -0.23
CA MET A 2 15.89 16.30 1.04
C MET A 2 16.67 17.61 1.16
N ALA A 3 16.67 18.20 2.36
CA ALA A 3 17.35 19.47 2.58
C ALA A 3 17.68 19.75 4.06
N MET A 4 17.06 20.81 4.61
CA MET A 4 17.48 21.39 5.88
C MET A 4 16.32 22.14 6.54
N LYS A 5 15.79 21.57 7.63
CA LYS A 5 14.75 22.24 8.42
C LYS A 5 15.28 23.59 8.92
N ALA A 6 14.43 24.61 8.85
CA ALA A 6 14.79 25.97 9.26
C ALA A 6 13.76 26.50 10.24
N THR A 7 14.24 27.00 11.39
CA THR A 7 13.37 27.59 12.41
C THR A 7 13.87 28.97 12.83
N ARG A 8 13.01 29.97 12.74
CA ARG A 8 13.31 31.30 13.26
C ARG A 8 13.18 31.27 14.78
N LEU A 9 14.17 31.81 15.48
CA LEU A 9 14.17 31.82 16.95
C LEU A 9 13.33 32.98 17.50
N ALA A 10 13.31 33.14 18.82
CA ALA A 10 12.53 34.20 19.49
C ALA A 10 12.87 35.59 18.95
N ILE A 11 14.12 35.77 18.56
CA ILE A 11 14.55 36.94 17.80
C ILE A 11 14.59 36.50 16.33
N PRO A 12 13.54 36.81 15.57
CA PRO A 12 13.23 36.18 14.27
C PRO A 12 14.38 36.07 13.27
N ASP A 13 15.28 37.05 13.27
CA ASP A 13 16.40 37.06 12.32
C ASP A 13 17.47 36.03 12.65
N VAL A 14 17.40 35.43 13.84
CA VAL A 14 18.28 34.31 14.18
C VAL A 14 17.56 33.03 13.76
N ILE A 15 18.29 32.16 13.05
CA ILE A 15 17.68 30.95 12.47
C ILE A 15 18.45 29.70 12.89
N LEU A 16 17.69 28.68 13.29
CA LEU A 16 18.26 27.38 13.67
C LEU A 16 18.07 26.40 12.52
N PHE A 17 19.17 25.79 12.06
CA PHE A 17 19.11 24.84 10.96
C PHE A 17 19.32 23.41 11.46
N GLU A 18 18.69 22.44 10.79
CA GLU A 18 18.88 21.01 11.13
C GLU A 18 18.97 20.14 9.87
N PRO A 19 20.17 19.58 9.58
CA PRO A 19 20.32 18.82 8.34
C PRO A 19 19.86 17.36 8.43
N ARG A 20 19.60 16.79 7.26
CA ARG A 20 19.32 15.37 7.09
C ARG A 20 20.62 14.60 6.84
N VAL A 21 20.87 13.57 7.65
CA VAL A 21 22.06 12.72 7.52
C VAL A 21 21.71 11.34 6.97
N PHE A 22 22.26 11.03 5.78
CA PHE A 22 21.93 9.79 5.06
C PHE A 22 22.93 8.67 5.40
N GLY A 23 22.48 7.61 6.05
CA GLY A 23 23.35 6.46 6.38
C GLY A 23 23.38 5.37 5.32
N ASP A 24 24.53 4.71 5.19
CA ASP A 24 24.70 3.53 4.32
C ASP A 24 25.88 2.71 4.87
N ASP A 25 26.21 1.56 4.28
CA ASP A 25 27.17 0.70 5.02
C ASP A 25 28.64 1.18 5.02
N ARG A 26 28.97 2.20 4.22
CA ARG A 26 30.25 2.90 4.36
C ARG A 26 30.29 3.87 5.56
N GLY A 27 29.14 4.41 5.94
CA GLY A 27 29.07 5.41 7.02
C GLY A 27 27.90 6.39 6.81
N PHE A 28 28.20 7.68 6.69
CA PHE A 28 27.17 8.69 6.37
C PHE A 28 27.63 9.84 5.45
N PHE A 29 26.65 10.59 4.94
CA PHE A 29 26.88 11.79 4.15
C PHE A 29 25.80 12.83 4.45
N PHE A 30 26.20 14.10 4.61
CA PHE A 30 25.23 15.20 4.61
C PHE A 30 25.75 16.51 4.00
N GLU A 31 24.82 17.31 3.51
CA GLU A 31 25.13 18.67 3.05
C GLU A 31 25.17 19.58 4.27
N SER A 32 26.36 20.07 4.62
CA SER A 32 26.52 21.00 5.76
C SER A 32 26.16 22.45 5.38
N TYR A 33 26.16 22.76 4.07
CA TYR A 33 25.68 24.05 3.55
C TYR A 33 25.16 23.95 2.11
N ASN A 34 24.06 24.64 1.82
CA ASN A 34 23.55 24.75 0.46
C ASN A 34 23.01 26.16 0.25
N GLN A 35 23.64 26.89 -0.67
CA GLN A 35 23.36 28.30 -0.88
C GLN A 35 21.91 28.55 -1.31
N ARG A 36 21.33 27.62 -2.09
CA ARG A 36 19.93 27.76 -2.53
C ARG A 36 18.98 27.76 -1.34
N ALA A 37 19.17 26.78 -0.46
CA ALA A 37 18.31 26.63 0.71
C ALA A 37 18.57 27.75 1.72
N PHE A 38 19.83 28.13 1.89
CA PHE A 38 20.20 29.16 2.85
C PHE A 38 19.60 30.52 2.47
N GLU A 39 19.80 30.94 1.22
CA GLU A 39 19.28 32.22 0.75
C GLU A 39 17.75 32.24 0.69
N GLU A 40 17.13 31.07 0.49
CA GLU A 40 15.67 30.92 0.53
C GLU A 40 15.09 31.13 1.93
N ALA A 41 15.73 30.56 2.94
CA ALA A 41 15.32 30.74 4.34
C ALA A 41 15.74 32.12 4.88
N CYS A 42 16.85 32.63 4.35
CA CYS A 42 17.41 33.91 4.76
C CYS A 42 16.63 35.07 4.12
N GLY A 43 16.19 34.88 2.88
CA GLY A 43 15.42 35.89 2.15
C GLY A 43 16.27 36.95 1.47
N HIS A 44 17.59 36.75 1.45
CA HIS A 44 18.50 37.65 0.75
C HIS A 44 19.86 37.00 0.48
N PRO A 45 20.65 37.57 -0.46
CA PRO A 45 21.93 36.96 -0.83
C PRO A 45 23.05 37.12 0.20
N VAL A 46 23.95 36.14 0.23
CA VAL A 46 25.09 36.17 1.14
C VAL A 46 26.31 35.49 0.52
N SER A 47 27.47 36.10 0.74
CA SER A 47 28.74 35.53 0.35
C SER A 47 29.60 35.38 1.59
N PHE A 48 30.18 34.20 1.79
CA PHE A 48 31.06 33.93 2.92
C PHE A 48 32.48 33.95 2.41
N VAL A 49 33.34 34.73 3.06
CA VAL A 49 34.70 34.99 2.59
C VAL A 49 35.79 34.33 3.44
N GLN A 50 35.40 33.73 4.57
CA GLN A 50 36.37 33.17 5.52
C GLN A 50 35.71 32.07 6.36
N ASP A 51 36.43 30.98 6.61
CA ASP A 51 35.97 29.87 7.48
C ASP A 51 36.98 29.68 8.61
N ASN A 52 36.47 29.45 9.81
CA ASN A 52 37.27 29.39 11.04
C ASN A 52 37.00 28.10 11.82
N HIS A 53 38.02 27.60 12.51
CA HIS A 53 37.95 26.33 13.24
C HIS A 53 38.73 26.44 14.56
N SER A 54 38.04 26.24 15.69
CA SER A 54 38.66 26.31 17.02
C SER A 54 38.33 25.08 17.87
N ARG A 55 39.22 24.78 18.81
CA ARG A 55 39.06 23.67 19.76
C ARG A 55 39.24 24.22 21.17
N SER A 56 38.35 23.80 22.07
CA SER A 56 38.28 24.34 23.43
C SER A 56 37.92 23.26 24.45
N ALA A 57 38.50 23.34 25.65
CA ALA A 57 38.27 22.36 26.72
C ALA A 57 37.00 22.71 27.49
N ARG A 58 36.52 21.74 28.28
CA ARG A 58 35.30 21.92 29.06
C ARG A 58 35.35 23.18 29.91
N GLY A 59 34.28 23.97 29.88
CA GLY A 59 34.18 25.17 30.71
C GLY A 59 34.78 26.43 30.08
N VAL A 60 35.40 26.29 28.91
CA VAL A 60 35.91 27.45 28.19
C VAL A 60 34.74 28.23 27.61
N LEU A 61 34.77 29.55 27.78
CA LEU A 61 33.80 30.46 27.21
C LEU A 61 34.50 31.48 26.31
N ARG A 62 34.01 31.63 25.07
CA ARG A 62 34.54 32.58 24.10
C ARG A 62 33.42 33.56 23.76
N GLY A 63 33.61 34.85 24.04
CA GLY A 63 32.56 35.87 23.80
C GLY A 63 32.60 36.99 24.83
N LEU A 64 31.72 37.98 24.74
CA LEU A 64 30.72 38.12 23.67
C LEU A 64 31.27 39.06 22.61
N HIS A 65 31.45 38.56 21.39
CA HIS A 65 32.26 39.24 20.37
C HIS A 65 31.44 39.81 19.21
N TYR A 66 31.91 40.93 18.66
CA TYR A 66 31.42 41.48 17.39
C TYR A 66 32.49 42.40 16.77
N GLN A 67 32.30 42.75 15.50
CA GLN A 67 33.14 43.76 14.83
C GLN A 67 32.24 44.94 14.45
N ILE A 68 32.54 46.12 15.00
CA ILE A 68 31.64 47.28 14.84
C ILE A 68 31.74 47.88 13.43
N ARG A 69 32.88 47.65 12.77
CA ARG A 69 32.99 47.84 11.32
C ARG A 69 33.61 46.60 10.69
N GLN A 70 33.37 46.42 9.39
CA GLN A 70 33.50 45.11 8.75
C GLN A 70 32.75 44.05 9.57
N ALA A 71 31.51 44.36 9.94
CA ALA A 71 30.66 43.47 10.72
C ALA A 71 30.45 42.13 10.01
N GLN A 72 30.52 41.04 10.80
CA GLN A 72 30.47 39.66 10.28
C GLN A 72 29.17 38.94 10.61
N GLY A 73 28.35 38.66 9.59
CA GLY A 73 27.28 37.66 9.71
C GLY A 73 27.95 36.29 9.83
N LYS A 74 27.40 35.40 10.66
CA LYS A 74 28.05 34.11 11.00
C LYS A 74 27.11 32.93 10.88
N LEU A 75 27.56 31.87 10.21
CA LEU A 75 26.84 30.57 10.21
C LEU A 75 27.70 29.53 10.95
N VAL A 76 27.21 29.02 12.09
CA VAL A 76 28.06 28.29 13.05
C VAL A 76 27.52 26.87 13.38
N ARG A 77 28.43 25.97 13.75
CA ARG A 77 28.10 24.57 14.12
C ARG A 77 29.22 23.92 14.95
N ALA A 78 28.93 22.78 15.58
CA ALA A 78 29.98 21.98 16.26
C ALA A 78 30.16 20.63 15.59
N THR A 79 31.42 20.23 15.35
CA THR A 79 31.75 18.91 14.75
C THR A 79 32.40 17.92 15.73
N LEU A 80 32.74 18.39 16.92
CA LEU A 80 33.18 17.53 18.03
C LEU A 80 32.61 18.14 19.31
N GLY A 81 31.89 17.35 20.10
CA GLY A 81 31.37 17.79 21.39
C GLY A 81 30.05 18.57 21.35
N GLU A 82 29.82 19.37 22.39
CA GLU A 82 28.59 20.15 22.58
C GLU A 82 28.89 21.52 23.21
N VAL A 83 28.22 22.56 22.70
CA VAL A 83 28.32 23.92 23.23
C VAL A 83 26.92 24.50 23.43
N PHE A 84 26.82 25.52 24.29
CA PHE A 84 25.63 26.38 24.35
C PHE A 84 26.03 27.64 23.58
N ASP A 85 25.24 27.98 22.56
CA ASP A 85 25.62 29.02 21.60
C ASP A 85 24.64 30.18 21.68
N VAL A 86 25.16 31.38 21.90
CA VAL A 86 24.33 32.55 22.23
C VAL A 86 24.49 33.71 21.23
N ALA A 87 23.37 34.33 20.88
CA ALA A 87 23.35 35.55 20.05
C ALA A 87 22.68 36.65 20.85
N VAL A 88 23.31 37.83 20.91
CA VAL A 88 22.73 39.00 21.58
C VAL A 88 22.42 40.09 20.56
N ASP A 89 21.21 40.66 20.59
CA ASP A 89 20.81 41.70 19.65
C ASP A 89 21.36 43.05 20.11
N LEU A 90 22.34 43.59 19.37
CA LEU A 90 22.94 44.90 19.68
C LEU A 90 22.47 46.04 18.76
N ARG A 91 21.38 45.84 18.02
CA ARG A 91 20.83 46.90 17.17
C ARG A 91 19.91 47.81 18.00
N ARG A 92 20.39 49.02 18.30
CA ARG A 92 19.65 49.98 19.14
C ARG A 92 18.20 50.16 18.70
N GLY A 93 17.98 50.22 17.39
CA GLY A 93 16.65 50.45 16.83
C GLY A 93 15.78 49.21 16.67
N SER A 94 16.30 48.03 16.99
CA SER A 94 15.48 46.81 16.97
C SER A 94 14.61 46.76 18.21
N PRO A 95 13.35 46.26 18.07
CA PRO A 95 12.50 46.09 19.25
C PRO A 95 12.95 44.98 20.21
N THR A 96 13.91 44.16 19.79
CA THR A 96 14.50 43.14 20.67
C THR A 96 15.93 43.49 21.10
N PHE A 97 16.25 44.79 21.10
CA PHE A 97 17.54 45.31 21.54
C PHE A 97 17.80 44.94 23.00
N GLY A 98 18.95 44.33 23.27
CA GLY A 98 19.30 43.88 24.62
C GLY A 98 18.81 42.48 24.96
N GLN A 99 18.14 41.83 24.01
CA GLN A 99 17.66 40.45 24.20
C GLN A 99 18.60 39.46 23.54
N TRP A 100 18.49 38.20 23.92
CA TRP A 100 19.41 37.16 23.46
C TRP A 100 18.69 35.84 23.23
N VAL A 101 19.30 34.96 22.44
CA VAL A 101 18.79 33.60 22.24
C VAL A 101 19.92 32.60 22.37
N GLY A 102 19.61 31.40 22.86
CA GLY A 102 20.62 30.36 23.04
C GLY A 102 20.11 28.96 22.72
N GLU A 103 20.96 28.17 22.05
CA GLU A 103 20.63 26.78 21.72
C GLU A 103 21.85 25.87 21.92
N ARG A 104 21.60 24.61 22.25
CA ARG A 104 22.66 23.59 22.30
C ARG A 104 22.95 23.04 20.90
N LEU A 105 24.21 23.20 20.47
CA LEU A 105 24.69 22.67 19.20
C LEU A 105 25.73 21.60 19.51
N SER A 106 25.66 20.45 18.82
CA SER A 106 26.60 19.34 19.03
C SER A 106 26.98 18.56 17.77
N ALA A 107 28.08 17.81 17.87
CA ALA A 107 28.50 16.88 16.83
C ALA A 107 27.40 15.89 16.47
N GLU A 108 26.56 15.57 17.45
CA GLU A 108 25.54 14.55 17.30
C GLU A 108 24.23 15.12 16.72
N ASN A 109 23.76 16.27 17.20
CA ASN A 109 22.54 16.86 16.65
C ASN A 109 22.76 17.65 15.34
N LYS A 110 24.00 18.05 15.10
CA LYS A 110 24.41 18.70 13.85
C LYS A 110 23.67 20.02 13.51
N ARG A 111 23.01 20.60 14.52
CA ARG A 111 22.30 21.86 14.35
C ARG A 111 23.25 23.07 14.19
N GLN A 112 22.78 24.06 13.45
CA GLN A 112 23.55 25.26 13.12
C GLN A 112 22.75 26.52 13.46
N MET A 113 23.46 27.63 13.69
CA MET A 113 22.79 28.92 13.92
C MET A 113 23.32 29.98 12.95
N TRP A 114 22.40 30.72 12.34
CA TRP A 114 22.73 31.89 11.51
C TRP A 114 22.58 33.15 12.36
N ILE A 115 23.66 33.93 12.46
CA ILE A 115 23.68 35.15 13.29
C ILE A 115 24.05 36.35 12.41
N PRO A 116 23.04 37.17 12.04
CA PRO A 116 23.32 38.30 11.15
C PRO A 116 24.25 39.34 11.77
N ALA A 117 24.79 40.23 10.93
CA ALA A 117 25.52 41.39 11.41
C ALA A 117 24.58 42.20 12.30
N GLY A 118 25.11 42.77 13.38
CA GLY A 118 24.29 43.51 14.34
C GLY A 118 24.18 42.84 15.70
N PHE A 119 24.79 41.66 15.83
CA PHE A 119 24.68 40.82 17.03
C PHE A 119 26.05 40.55 17.65
N ALA A 120 26.09 40.39 18.97
CA ALA A 120 27.25 39.79 19.65
C ALA A 120 27.04 38.27 19.72
N HIS A 121 28.13 37.52 19.72
CA HIS A 121 28.09 36.05 19.73
C HIS A 121 29.05 35.46 20.75
N GLY A 122 28.60 34.42 21.45
CA GLY A 122 29.46 33.67 22.35
C GLY A 122 29.02 32.23 22.49
N PHE A 123 29.92 31.37 22.96
CA PHE A 123 29.59 29.99 23.32
C PHE A 123 30.40 29.50 24.53
N VAL A 124 29.87 28.49 25.21
CA VAL A 124 30.57 27.80 26.29
C VAL A 124 30.57 26.27 26.06
N VAL A 125 31.67 25.62 26.41
CA VAL A 125 31.88 24.18 26.18
C VAL A 125 31.33 23.34 27.33
N LEU A 126 30.46 22.37 26.99
CA LEU A 126 29.77 21.53 27.98
C LEU A 126 30.33 20.11 28.11
N SER A 127 31.05 19.65 27.08
CA SER A 127 31.68 18.32 27.03
C SER A 127 33.18 18.41 27.36
N GLU A 128 33.86 17.25 27.42
CA GLU A 128 35.31 17.23 27.70
C GLU A 128 36.07 18.18 26.77
N TYR A 129 35.76 18.10 25.48
CA TYR A 129 36.28 19.03 24.46
C TYR A 129 35.17 19.36 23.46
N ALA A 130 35.32 20.47 22.73
CA ALA A 130 34.42 20.81 21.62
C ALA A 130 35.19 21.48 20.48
N GLU A 131 34.91 21.10 19.22
CA GLU A 131 35.45 21.82 18.05
C GLU A 131 34.32 22.54 17.32
N PHE A 132 34.56 23.82 17.05
CA PHE A 132 33.51 24.76 16.68
C PHE A 132 33.91 25.41 15.35
N LEU A 133 33.07 25.27 14.33
CA LEU A 133 33.42 25.82 12.99
C LEU A 133 32.38 26.84 12.58
N TYR A 134 32.81 27.87 11.84
CA TYR A 134 31.89 28.89 11.36
C TYR A 134 32.40 29.64 10.12
N LYS A 135 31.44 30.14 9.33
CA LYS A 135 31.68 30.86 8.07
C LYS A 135 31.24 32.31 8.29
N THR A 136 32.02 33.29 7.79
CA THR A 136 31.76 34.72 8.06
C THR A 136 31.66 35.56 6.78
N THR A 137 30.82 36.60 6.82
CA THR A 137 30.57 37.44 5.65
C THR A 137 31.61 38.55 5.44
N ASP A 138 32.58 38.70 6.34
CA ASP A 138 33.69 39.63 6.12
C ASP A 138 34.96 39.13 6.81
N PHE A 139 36.09 39.78 6.55
CA PHE A 139 37.38 39.31 7.05
C PHE A 139 37.67 39.77 8.47
N TRP A 140 38.59 39.06 9.12
CA TRP A 140 39.08 39.42 10.45
C TRP A 140 39.68 40.83 10.43
N ALA A 141 39.27 41.68 11.38
CA ALA A 141 39.81 43.04 11.51
C ALA A 141 39.91 43.39 12.99
N PRO A 142 41.07 43.06 13.62
CA PRO A 142 41.33 43.32 15.05
C PRO A 142 41.00 44.73 15.53
N GLU A 143 41.36 45.73 14.73
CA GLU A 143 41.10 47.14 15.09
C GLU A 143 39.62 47.42 15.34
N HIS A 144 38.75 46.62 14.73
CA HIS A 144 37.30 46.79 14.87
C HIS A 144 36.66 45.82 15.87
N GLU A 145 37.45 44.94 16.48
CA GLU A 145 36.90 43.95 17.44
C GLU A 145 36.46 44.61 18.74
N ARG A 146 35.27 44.22 19.22
CA ARG A 146 34.72 44.68 20.49
C ARG A 146 34.23 43.49 21.30
N CYS A 147 34.05 43.68 22.61
CA CYS A 147 33.63 42.61 23.51
C CYS A 147 32.74 43.12 24.64
N ILE A 148 31.69 42.37 24.93
CA ILE A 148 30.87 42.60 26.12
C ILE A 148 31.11 41.41 27.06
N VAL A 149 31.21 41.70 28.36
CA VAL A 149 31.53 40.66 29.33
C VAL A 149 30.39 39.64 29.44
N TRP A 150 30.77 38.36 29.50
CA TRP A 150 29.83 37.22 29.48
C TRP A 150 28.73 37.27 30.56
N ASN A 151 29.08 37.72 31.76
CA ASN A 151 28.14 37.74 32.89
C ASN A 151 27.52 39.13 33.17
N ASP A 152 27.32 39.94 32.14
CA ASP A 152 26.70 41.25 32.28
C ASP A 152 25.34 41.11 32.96
N PRO A 153 25.06 41.94 33.98
CA PRO A 153 23.82 41.83 34.76
C PRO A 153 22.56 42.32 34.05
N GLU A 154 22.70 43.22 33.07
CA GLU A 154 21.56 43.68 32.29
C GLU A 154 21.12 42.62 31.28
N LEU A 155 22.08 41.94 30.66
CA LEU A 155 21.79 40.89 29.69
C LEU A 155 21.23 39.63 30.35
N LYS A 156 21.77 39.28 31.52
CA LYS A 156 21.29 38.15 32.32
C LYS A 156 21.15 36.85 31.50
N ILE A 157 22.24 36.42 30.88
CA ILE A 157 22.23 35.21 30.06
C ILE A 157 22.27 33.97 30.94
N ASP A 158 21.34 33.05 30.71
CA ASP A 158 21.22 31.81 31.49
C ASP A 158 22.19 30.74 30.97
N TRP A 159 23.48 30.92 31.27
CA TRP A 159 24.49 29.93 30.92
C TRP A 159 24.25 28.65 31.74
N PRO A 160 24.33 27.47 31.08
CA PRO A 160 24.17 26.22 31.81
C PRO A 160 25.54 25.73 32.28
N LEU A 161 26.15 26.48 33.18
CA LEU A 161 27.54 26.25 33.57
C LEU A 161 27.62 25.84 35.05
N GLN A 162 28.60 25.00 35.35
CA GLN A 162 28.80 24.48 36.70
C GLN A 162 29.87 25.28 37.42
N ASP A 163 31.07 25.29 36.86
CA ASP A 163 32.21 25.99 37.47
C ASP A 163 32.44 27.32 36.75
N ALA A 164 33.32 28.15 37.32
CA ALA A 164 33.69 29.41 36.68
C ALA A 164 34.38 29.12 35.35
N PRO A 165 34.04 29.87 34.29
CA PRO A 165 34.60 29.60 32.96
C PRO A 165 36.05 30.04 32.80
N LEU A 166 36.77 29.37 31.89
CA LEU A 166 38.11 29.80 31.49
C LEU A 166 37.96 30.78 30.34
N LEU A 167 38.60 31.94 30.45
CA LEU A 167 38.48 33.01 29.46
C LEU A 167 39.84 33.53 29.03
N SER A 168 39.91 34.08 27.83
CA SER A 168 41.05 34.92 27.44
C SER A 168 41.04 36.16 28.32
N GLU A 169 42.18 36.84 28.42
CA GLU A 169 42.25 38.03 29.25
C GLU A 169 41.36 39.13 28.68
N LYS A 170 41.37 39.29 27.35
CA LYS A 170 40.51 40.30 26.71
C LYS A 170 39.02 40.01 26.87
N ASP A 171 38.64 38.75 27.10
CA ASP A 171 37.24 38.43 27.40
C ASP A 171 36.89 38.66 28.87
N ARG A 172 37.84 38.41 29.77
CA ARG A 172 37.68 38.75 31.19
C ARG A 172 37.54 40.27 31.35
N GLN A 173 38.24 41.02 30.49
CA GLN A 173 38.22 42.49 30.51
C GLN A 173 37.12 43.10 29.62
N GLY A 174 36.10 42.32 29.26
CA GLY A 174 35.01 42.80 28.41
C GLY A 174 34.22 43.97 29.01
N LYS A 175 33.62 44.79 28.14
CA LYS A 175 32.86 45.95 28.59
C LYS A 175 31.51 45.57 29.16
N ALA A 176 30.97 46.41 30.03
CA ALA A 176 29.59 46.31 30.46
C ALA A 176 28.70 46.73 29.29
N PHE A 177 27.55 46.08 29.15
CA PHE A 177 26.60 46.39 28.08
C PHE A 177 26.26 47.88 28.02
N ALA A 178 26.11 48.51 29.18
CA ALA A 178 25.78 49.93 29.29
C ALA A 178 26.86 50.86 28.72
N ASP A 179 28.10 50.38 28.68
CA ASP A 179 29.23 51.16 28.16
C ASP A 179 29.68 50.73 26.75
N ALA A 180 28.97 49.78 26.15
CA ALA A 180 29.41 49.14 24.90
C ALA A 180 29.01 49.91 23.64
N ASP A 181 29.86 49.84 22.61
CA ASP A 181 29.54 50.33 21.27
C ASP A 181 28.52 49.41 20.63
N CYS A 182 27.39 49.99 20.24
CA CYS A 182 26.29 49.23 19.63
C CYS A 182 26.02 49.65 18.20
N PHE A 183 25.16 48.89 17.52
CA PHE A 183 24.81 49.13 16.12
C PHE A 183 23.58 50.04 16.06
N PRO A 184 23.29 50.61 14.88
CA PRO A 184 22.10 51.47 14.80
C PRO A 184 20.81 50.67 14.98
N SER B 1 -38.60 -44.33 -40.97
CA SER B 1 -37.11 -44.19 -40.90
C SER B 1 -36.67 -43.03 -40.00
N MET B 2 -36.10 -43.36 -38.85
CA MET B 2 -35.52 -42.37 -37.93
C MET B 2 -34.35 -42.97 -37.13
N ALA B 3 -33.53 -42.08 -36.56
CA ALA B 3 -32.34 -42.47 -35.79
C ALA B 3 -32.14 -41.45 -34.67
N MET B 4 -31.09 -41.63 -33.85
CA MET B 4 -30.87 -40.77 -32.68
C MET B 4 -30.58 -39.32 -33.09
N LYS B 5 -31.57 -38.45 -32.89
CA LYS B 5 -31.44 -37.04 -33.23
C LYS B 5 -30.49 -36.34 -32.26
N ALA B 6 -29.60 -35.53 -32.81
CA ALA B 6 -28.68 -34.70 -32.03
C ALA B 6 -28.85 -33.23 -32.44
N THR B 7 -28.93 -32.34 -31.45
CA THR B 7 -29.14 -30.91 -31.71
C THR B 7 -28.23 -30.06 -30.82
N ARG B 8 -27.35 -29.27 -31.43
CA ARG B 8 -26.52 -28.34 -30.68
C ARG B 8 -27.39 -27.17 -30.19
N LEU B 9 -27.24 -26.84 -28.91
CA LEU B 9 -28.05 -25.78 -28.28
C LEU B 9 -27.45 -24.40 -28.54
N ALA B 10 -28.09 -23.36 -28.00
CA ALA B 10 -27.66 -21.96 -28.20
C ALA B 10 -26.17 -21.75 -27.89
N ILE B 11 -25.70 -22.40 -26.82
CA ILE B 11 -24.27 -22.59 -26.59
C ILE B 11 -23.94 -23.92 -27.28
N PRO B 12 -23.31 -23.85 -28.47
CA PRO B 12 -23.26 -25.00 -29.38
C PRO B 12 -22.57 -26.26 -28.87
N ASP B 13 -21.65 -26.14 -27.92
CA ASP B 13 -20.93 -27.31 -27.39
C ASP B 13 -21.78 -28.17 -26.45
N VAL B 14 -22.90 -27.64 -25.96
CA VAL B 14 -23.89 -28.44 -25.24
C VAL B 14 -24.81 -29.07 -26.28
N ILE B 15 -25.06 -30.38 -26.16
CA ILE B 15 -25.80 -31.12 -27.19
C ILE B 15 -27.02 -31.83 -26.59
N LEU B 16 -28.15 -31.72 -27.30
CA LEU B 16 -29.39 -32.37 -26.88
C LEU B 16 -29.57 -33.61 -27.76
N PHE B 17 -29.72 -34.77 -27.11
CA PHE B 17 -29.89 -36.04 -27.80
C PHE B 17 -31.30 -36.58 -27.58
N GLU B 18 -31.88 -37.19 -28.62
CA GLU B 18 -33.21 -37.81 -28.52
C GLU B 18 -33.21 -39.18 -29.22
N PRO B 19 -33.42 -40.25 -28.45
CA PRO B 19 -33.32 -41.60 -29.00
C PRO B 19 -34.57 -42.10 -29.73
N ARG B 20 -34.37 -43.12 -30.55
CA ARG B 20 -35.45 -43.84 -31.22
C ARG B 20 -35.93 -44.98 -30.32
N VAL B 21 -37.19 -44.94 -29.91
CA VAL B 21 -37.78 -45.98 -29.04
C VAL B 21 -38.67 -46.97 -29.80
N PHE B 22 -38.17 -48.20 -29.98
CA PHE B 22 -38.86 -49.19 -30.81
C PHE B 22 -39.98 -49.89 -30.02
N GLY B 23 -41.22 -49.82 -30.49
CA GLY B 23 -42.35 -50.46 -29.81
C GLY B 23 -42.73 -51.79 -30.44
N ASP B 24 -43.09 -52.75 -29.59
CA ASP B 24 -43.63 -54.04 -30.04
C ASP B 24 -44.64 -54.63 -29.01
N ASP B 25 -45.15 -55.82 -29.28
CA ASP B 25 -46.19 -56.40 -28.41
C ASP B 25 -45.76 -56.57 -26.94
N ARG B 26 -44.48 -56.80 -26.69
CA ARG B 26 -43.96 -56.97 -25.33
C ARG B 26 -43.82 -55.66 -24.57
N GLY B 27 -43.61 -54.55 -25.29
CA GLY B 27 -43.36 -53.24 -24.67
C GLY B 27 -42.45 -52.39 -25.58
N PHE B 28 -41.30 -51.97 -25.07
CA PHE B 28 -40.32 -51.23 -25.92
C PHE B 28 -38.85 -51.54 -25.64
N PHE B 29 -37.99 -51.12 -26.58
CA PHE B 29 -36.52 -51.19 -26.46
C PHE B 29 -35.91 -49.90 -27.03
N PHE B 30 -34.91 -49.34 -26.36
CA PHE B 30 -34.03 -48.34 -26.99
C PHE B 30 -32.59 -48.41 -26.51
N GLU B 31 -31.65 -48.00 -27.37
CA GLU B 31 -30.27 -47.79 -26.95
C GLU B 31 -30.14 -46.42 -26.29
N SER B 32 -29.91 -46.41 -24.98
CA SER B 32 -29.72 -45.16 -24.25
C SER B 32 -28.34 -44.51 -24.49
N TYR B 33 -27.37 -45.32 -24.89
CA TYR B 33 -26.03 -44.84 -25.29
C TYR B 33 -25.40 -45.80 -26.30
N ASN B 34 -24.68 -45.23 -27.28
CA ASN B 34 -23.90 -45.98 -28.26
C ASN B 34 -22.63 -45.19 -28.54
N GLN B 35 -21.48 -45.81 -28.28
CA GLN B 35 -20.20 -45.11 -28.34
C GLN B 35 -19.81 -44.62 -29.75
N ARG B 36 -20.27 -45.33 -30.78
CA ARG B 36 -20.00 -44.91 -32.16
C ARG B 36 -20.77 -43.64 -32.51
N ALA B 37 -22.09 -43.68 -32.33
CA ALA B 37 -22.97 -42.56 -32.65
C ALA B 37 -22.61 -41.30 -31.86
N PHE B 38 -22.25 -41.47 -30.60
CA PHE B 38 -21.97 -40.34 -29.72
C PHE B 38 -20.74 -39.58 -30.17
N GLU B 39 -19.67 -40.32 -30.43
CA GLU B 39 -18.40 -39.73 -30.83
C GLU B 39 -18.48 -39.05 -32.21
N GLU B 40 -19.34 -39.56 -33.08
CA GLU B 40 -19.62 -38.92 -34.38
C GLU B 40 -20.35 -37.59 -34.21
N ALA B 41 -21.47 -37.59 -33.47
CA ALA B 41 -22.24 -36.37 -33.23
C ALA B 41 -21.40 -35.33 -32.47
N CYS B 42 -20.48 -35.84 -31.64
CA CYS B 42 -19.66 -35.05 -30.74
C CYS B 42 -18.47 -34.38 -31.44
N GLY B 43 -17.77 -35.15 -32.28
CA GLY B 43 -16.61 -34.66 -33.00
C GLY B 43 -15.29 -35.13 -32.42
N HIS B 44 -15.34 -35.95 -31.37
CA HIS B 44 -14.14 -36.49 -30.74
C HIS B 44 -14.46 -37.67 -29.81
N PRO B 45 -13.45 -38.49 -29.46
CA PRO B 45 -13.69 -39.64 -28.58
C PRO B 45 -13.91 -39.30 -27.10
N VAL B 46 -14.77 -40.07 -26.43
CA VAL B 46 -15.06 -39.86 -25.01
C VAL B 46 -15.38 -41.16 -24.27
N SER B 47 -14.65 -41.42 -23.19
CA SER B 47 -14.88 -42.58 -22.35
C SER B 47 -15.45 -42.17 -20.99
N PHE B 48 -16.41 -42.94 -20.52
CA PHE B 48 -17.07 -42.69 -19.24
C PHE B 48 -16.62 -43.74 -18.24
N VAL B 49 -16.37 -43.32 -16.99
CA VAL B 49 -15.83 -44.21 -15.96
C VAL B 49 -16.75 -44.44 -14.75
N GLN B 50 -17.86 -43.72 -14.66
CA GLN B 50 -18.76 -43.79 -13.51
C GLN B 50 -20.20 -43.45 -13.89
N ASP B 51 -21.14 -44.23 -13.36
CA ASP B 51 -22.60 -44.00 -13.53
C ASP B 51 -23.25 -43.75 -12.17
N ASN B 52 -24.15 -42.76 -12.12
CA ASN B 52 -24.80 -42.30 -10.89
C ASN B 52 -26.33 -42.21 -11.06
N HIS B 53 -27.06 -42.38 -9.95
CA HIS B 53 -28.54 -42.45 -9.95
C HIS B 53 -29.05 -41.77 -8.67
N SER B 54 -29.83 -40.70 -8.82
CA SER B 54 -30.42 -39.99 -7.68
C SER B 54 -31.94 -39.93 -7.77
N ARG B 55 -32.59 -39.82 -6.62
CA ARG B 55 -34.04 -39.61 -6.54
C ARG B 55 -34.36 -38.40 -5.67
N SER B 56 -35.31 -37.59 -6.12
CA SER B 56 -35.65 -36.32 -5.47
C SER B 56 -37.15 -36.03 -5.57
N ALA B 57 -37.67 -35.30 -4.58
CA ALA B 57 -39.09 -34.92 -4.56
C ALA B 57 -39.31 -33.59 -5.26
N ARG B 58 -40.58 -33.27 -5.51
CA ARG B 58 -40.94 -32.00 -6.17
C ARG B 58 -40.28 -30.83 -5.43
N GLY B 59 -39.69 -29.91 -6.20
CA GLY B 59 -39.14 -28.69 -5.63
C GLY B 59 -37.70 -28.77 -5.19
N VAL B 60 -37.13 -29.98 -5.13
CA VAL B 60 -35.70 -30.14 -4.85
C VAL B 60 -34.87 -29.60 -6.00
N LEU B 61 -33.80 -28.87 -5.68
CA LEU B 61 -32.84 -28.37 -6.67
C LEU B 61 -31.42 -28.80 -6.25
N ARG B 62 -30.67 -29.36 -7.18
CA ARG B 62 -29.28 -29.77 -6.95
C ARG B 62 -28.38 -29.00 -7.92
N GLY B 63 -27.35 -28.31 -7.38
CA GLY B 63 -26.45 -27.50 -8.23
C GLY B 63 -26.12 -26.16 -7.57
N LEU B 64 -25.42 -25.26 -8.27
CA LEU B 64 -24.86 -25.48 -9.61
C LEU B 64 -23.43 -25.99 -9.45
N HIS B 65 -23.16 -27.20 -9.93
CA HIS B 65 -21.93 -27.93 -9.56
C HIS B 65 -20.91 -28.17 -10.68
N TYR B 66 -19.64 -28.18 -10.31
CA TYR B 66 -18.53 -28.61 -11.19
C TYR B 66 -17.32 -29.02 -10.35
N GLN B 67 -16.33 -29.62 -11.01
CA GLN B 67 -15.03 -29.90 -10.40
C GLN B 67 -13.91 -29.19 -11.17
N ILE B 68 -13.19 -28.28 -10.52
CA ILE B 68 -12.08 -27.55 -11.16
C ILE B 68 -10.86 -28.42 -11.46
N ARG B 69 -10.73 -29.54 -10.76
CA ARG B 69 -9.74 -30.56 -11.11
C ARG B 69 -10.48 -31.87 -11.21
N GLN B 70 -9.98 -32.76 -12.07
CA GLN B 70 -10.71 -33.94 -12.49
C GLN B 70 -12.07 -33.49 -13.03
N ALA B 71 -12.05 -32.53 -13.97
CA ALA B 71 -13.27 -31.99 -14.57
C ALA B 71 -14.10 -33.10 -15.22
N GLN B 72 -15.41 -33.09 -14.98
CA GLN B 72 -16.29 -34.17 -15.45
C GLN B 72 -17.24 -33.71 -16.56
N GLY B 73 -17.06 -34.26 -17.76
CA GLY B 73 -18.08 -34.18 -18.80
C GLY B 73 -19.25 -35.05 -18.36
N LYS B 74 -20.47 -34.68 -18.73
CA LYS B 74 -21.65 -35.39 -18.21
C LYS B 74 -22.71 -35.64 -19.29
N LEU B 75 -23.14 -36.90 -19.43
CA LEU B 75 -24.31 -37.25 -20.25
C LEU B 75 -25.44 -37.65 -19.33
N VAL B 76 -26.51 -36.85 -19.32
CA VAL B 76 -27.54 -36.92 -18.29
C VAL B 76 -28.94 -37.16 -18.90
N ARG B 77 -29.82 -37.79 -18.12
CA ARG B 77 -31.19 -38.05 -18.53
C ARG B 77 -32.08 -38.32 -17.30
N ALA B 78 -33.39 -38.39 -17.52
CA ALA B 78 -34.38 -38.70 -16.50
C ALA B 78 -35.17 -39.96 -16.88
N THR B 79 -35.29 -40.91 -15.95
CA THR B 79 -36.03 -42.16 -16.17
C THR B 79 -37.36 -42.23 -15.39
N LEU B 80 -37.59 -41.27 -14.51
CA LEU B 80 -38.86 -41.14 -13.81
C LEU B 80 -39.13 -39.64 -13.59
N GLY B 81 -40.33 -39.19 -13.89
CA GLY B 81 -40.71 -37.79 -13.70
C GLY B 81 -40.05 -36.83 -14.67
N GLU B 82 -39.95 -35.55 -14.27
CA GLU B 82 -39.50 -34.47 -15.13
C GLU B 82 -38.63 -33.46 -14.35
N VAL B 83 -37.52 -33.04 -14.96
CA VAL B 83 -36.67 -31.98 -14.40
C VAL B 83 -36.43 -30.85 -15.41
N PHE B 84 -35.96 -29.71 -14.91
CA PHE B 84 -35.46 -28.61 -15.76
C PHE B 84 -33.94 -28.60 -15.60
N ASP B 85 -33.24 -28.94 -16.68
CA ASP B 85 -31.81 -29.25 -16.63
C ASP B 85 -31.00 -28.10 -17.22
N VAL B 86 -30.12 -27.51 -16.40
CA VAL B 86 -29.38 -26.28 -16.76
C VAL B 86 -27.86 -26.47 -16.84
N ALA B 87 -27.23 -25.82 -17.83
CA ALA B 87 -25.77 -25.79 -17.95
C ALA B 87 -25.29 -24.34 -18.14
N VAL B 88 -24.27 -23.95 -17.38
CA VAL B 88 -23.72 -22.59 -17.40
C VAL B 88 -22.27 -22.61 -17.92
N ASP B 89 -21.97 -21.72 -18.87
CA ASP B 89 -20.64 -21.65 -19.49
C ASP B 89 -19.66 -20.90 -18.58
N LEU B 90 -18.75 -21.64 -17.94
CA LEU B 90 -17.74 -21.08 -17.04
C LEU B 90 -16.34 -21.00 -17.66
N ARG B 91 -16.25 -21.02 -18.99
CA ARG B 91 -14.97 -20.91 -19.69
C ARG B 91 -14.62 -19.46 -20.02
N ARG B 92 -13.68 -18.89 -19.27
CA ARG B 92 -13.37 -17.46 -19.31
C ARG B 92 -13.07 -16.92 -20.74
N GLY B 93 -12.51 -17.78 -21.59
CA GLY B 93 -12.19 -17.40 -22.98
C GLY B 93 -13.26 -17.73 -24.01
N SER B 94 -14.47 -18.06 -23.55
CA SER B 94 -15.56 -18.44 -24.45
C SER B 94 -16.41 -17.22 -24.85
N PRO B 95 -16.83 -17.15 -26.13
CA PRO B 95 -17.75 -16.08 -26.56
C PRO B 95 -19.11 -16.10 -25.85
N THR B 96 -19.43 -17.19 -25.16
CA THR B 96 -20.68 -17.31 -24.41
C THR B 96 -20.45 -17.53 -22.90
N PHE B 97 -19.29 -17.10 -22.41
CA PHE B 97 -18.97 -17.17 -20.97
C PHE B 97 -20.02 -16.41 -20.16
N GLY B 98 -20.54 -17.06 -19.13
CA GLY B 98 -21.58 -16.47 -18.27
C GLY B 98 -23.01 -16.66 -18.76
N GLN B 99 -23.17 -17.27 -19.95
CA GLN B 99 -24.51 -17.58 -20.46
C GLN B 99 -24.91 -18.96 -19.96
N TRP B 100 -26.17 -19.30 -20.14
CA TRP B 100 -26.69 -20.62 -19.75
C TRP B 100 -27.73 -21.14 -20.75
N VAL B 101 -27.99 -22.43 -20.71
CA VAL B 101 -29.03 -23.06 -21.52
C VAL B 101 -29.77 -24.07 -20.64
N GLY B 102 -31.08 -24.19 -20.85
CA GLY B 102 -31.92 -25.08 -20.03
C GLY B 102 -32.96 -25.79 -20.86
N GLU B 103 -33.19 -27.08 -20.54
CA GLU B 103 -34.18 -27.90 -21.24
C GLU B 103 -34.91 -28.82 -20.26
N ARG B 104 -36.18 -29.08 -20.54
CA ARG B 104 -36.95 -30.05 -19.78
C ARG B 104 -36.61 -31.48 -20.25
N LEU B 105 -36.10 -32.30 -19.32
CA LEU B 105 -35.79 -33.70 -19.60
C LEU B 105 -36.73 -34.58 -18.79
N SER B 106 -37.39 -35.55 -19.43
CA SER B 106 -38.38 -36.39 -18.74
C SER B 106 -38.27 -37.86 -19.11
N ALA B 107 -38.96 -38.70 -18.34
CA ALA B 107 -39.04 -40.14 -18.61
C ALA B 107 -39.74 -40.38 -19.94
N GLU B 108 -40.70 -39.51 -20.25
CA GLU B 108 -41.49 -39.63 -21.46
C GLU B 108 -40.77 -39.19 -22.72
N ASN B 109 -40.16 -38.00 -22.73
CA ASN B 109 -39.46 -37.52 -23.94
C ASN B 109 -38.08 -38.16 -24.15
N LYS B 110 -37.55 -38.75 -23.07
CA LYS B 110 -36.27 -39.48 -23.08
C LYS B 110 -35.09 -38.67 -23.64
N ARG B 111 -35.17 -37.35 -23.55
CA ARG B 111 -34.09 -36.49 -24.01
C ARG B 111 -32.93 -36.48 -23.03
N GLN B 112 -31.72 -36.27 -23.58
CA GLN B 112 -30.47 -36.29 -22.83
C GLN B 112 -29.64 -35.03 -23.14
N MET B 113 -28.85 -34.58 -22.18
CA MET B 113 -27.96 -33.45 -22.38
C MET B 113 -26.49 -33.83 -22.17
N TRP B 114 -25.67 -33.55 -23.19
CA TRP B 114 -24.22 -33.69 -23.10
C TRP B 114 -23.65 -32.36 -22.65
N ILE B 115 -23.07 -32.33 -21.46
CA ILE B 115 -22.49 -31.13 -20.88
C ILE B 115 -20.98 -31.33 -20.67
N PRO B 116 -20.14 -30.70 -21.52
CA PRO B 116 -18.70 -30.98 -21.45
C PRO B 116 -18.01 -30.37 -20.23
N ALA B 117 -16.78 -30.82 -19.97
CA ALA B 117 -15.93 -30.21 -18.96
C ALA B 117 -15.81 -28.70 -19.21
N GLY B 118 -15.85 -27.91 -18.15
CA GLY B 118 -15.81 -26.46 -18.27
C GLY B 118 -17.14 -25.76 -17.99
N PHE B 119 -18.18 -26.55 -17.69
CA PHE B 119 -19.51 -26.03 -17.39
C PHE B 119 -19.91 -26.36 -15.95
N ALA B 120 -20.83 -25.56 -15.39
CA ALA B 120 -21.49 -25.91 -14.13
C ALA B 120 -22.88 -26.45 -14.44
N HIS B 121 -23.30 -27.48 -13.70
CA HIS B 121 -24.58 -28.16 -13.96
C HIS B 121 -25.51 -28.14 -12.76
N GLY B 122 -26.81 -27.98 -13.02
CA GLY B 122 -27.84 -28.15 -12.00
C GLY B 122 -29.18 -28.56 -12.60
N PHE B 123 -30.08 -29.08 -11.75
CA PHE B 123 -31.46 -29.37 -12.17
C PHE B 123 -32.46 -29.17 -11.03
N VAL B 124 -33.71 -28.87 -11.38
CA VAL B 124 -34.80 -28.81 -10.41
C VAL B 124 -35.90 -29.81 -10.76
N VAL B 125 -36.56 -30.38 -9.74
CA VAL B 125 -37.64 -31.37 -9.94
C VAL B 125 -39.02 -30.69 -10.11
N LEU B 126 -39.70 -31.03 -11.22
CA LEU B 126 -40.98 -30.40 -11.58
C LEU B 126 -42.22 -31.25 -11.29
N SER B 127 -42.04 -32.57 -11.32
CA SER B 127 -43.11 -33.55 -11.08
C SER B 127 -43.11 -33.97 -9.61
N GLU B 128 -44.01 -34.90 -9.25
CA GLU B 128 -44.12 -35.37 -7.86
C GLU B 128 -42.79 -35.92 -7.34
N TYR B 129 -42.18 -36.81 -8.12
CA TYR B 129 -40.79 -37.26 -7.92
C TYR B 129 -40.08 -37.28 -9.27
N ALA B 130 -38.75 -37.27 -9.22
CA ALA B 130 -37.93 -37.55 -10.40
C ALA B 130 -36.73 -38.40 -10.03
N GLU B 131 -36.31 -39.27 -10.95
CA GLU B 131 -35.05 -40.01 -10.86
C GLU B 131 -34.12 -39.65 -12.02
N PHE B 132 -32.89 -39.28 -11.68
CA PHE B 132 -31.95 -38.63 -12.59
C PHE B 132 -30.71 -39.51 -12.74
N LEU B 133 -30.40 -39.92 -13.99
CA LEU B 133 -29.23 -40.77 -14.27
C LEU B 133 -28.20 -40.02 -15.12
N TYR B 134 -26.92 -40.22 -14.84
CA TYR B 134 -25.88 -39.60 -15.67
C TYR B 134 -24.54 -40.35 -15.64
N LYS B 135 -23.82 -40.25 -16.76
CA LYS B 135 -22.48 -40.82 -16.92
C LYS B 135 -21.47 -39.67 -16.86
N THR B 136 -20.28 -39.91 -16.32
CA THR B 136 -19.25 -38.89 -16.15
C THR B 136 -17.89 -39.38 -16.64
N THR B 137 -17.05 -38.46 -17.13
CA THR B 137 -15.74 -38.82 -17.73
C THR B 137 -14.57 -38.91 -16.75
N ASP B 138 -14.83 -38.65 -15.47
CA ASP B 138 -13.80 -38.74 -14.43
C ASP B 138 -14.49 -39.03 -13.09
N PHE B 139 -13.73 -39.49 -12.11
CA PHE B 139 -14.32 -39.92 -10.83
C PHE B 139 -14.67 -38.77 -9.89
N TRP B 140 -15.53 -39.08 -8.92
CA TRP B 140 -15.90 -38.17 -7.83
C TRP B 140 -14.66 -37.81 -7.02
N ALA B 141 -14.42 -36.51 -6.86
CA ALA B 141 -13.33 -36.00 -6.01
C ALA B 141 -13.82 -34.83 -5.17
N PRO B 142 -14.30 -35.11 -3.95
CA PRO B 142 -14.91 -34.06 -3.10
C PRO B 142 -14.05 -32.80 -2.90
N GLU B 143 -12.73 -32.97 -2.81
CA GLU B 143 -11.83 -31.85 -2.56
C GLU B 143 -11.84 -30.80 -3.68
N HIS B 144 -12.20 -31.22 -4.89
CA HIS B 144 -12.23 -30.33 -6.05
C HIS B 144 -13.63 -29.79 -6.37
N GLU B 145 -14.61 -30.06 -5.51
CA GLU B 145 -16.00 -29.67 -5.79
C GLU B 145 -16.25 -28.18 -5.54
N ARG B 146 -16.95 -27.54 -6.46
CA ARG B 146 -17.27 -26.10 -6.37
C ARG B 146 -18.75 -25.88 -6.68
N CYS B 147 -19.32 -24.79 -6.17
CA CYS B 147 -20.75 -24.52 -6.32
C CYS B 147 -21.07 -23.03 -6.46
N ILE B 148 -21.87 -22.70 -7.50
CA ILE B 148 -22.45 -21.37 -7.65
C ILE B 148 -23.91 -21.47 -7.24
N VAL B 149 -24.37 -20.49 -6.45
CA VAL B 149 -25.72 -20.52 -5.91
C VAL B 149 -26.78 -20.36 -7.00
N TRP B 150 -27.85 -21.15 -6.86
CA TRP B 150 -28.88 -21.30 -7.88
C TRP B 150 -29.53 -19.98 -8.34
N ASN B 151 -29.80 -19.07 -7.40
CA ASN B 151 -30.54 -17.83 -7.70
C ASN B 151 -29.64 -16.59 -7.90
N ASP B 152 -28.42 -16.82 -8.38
CA ASP B 152 -27.49 -15.73 -8.61
C ASP B 152 -28.15 -14.64 -9.47
N PRO B 153 -28.13 -13.38 -9.00
CA PRO B 153 -28.85 -12.31 -9.68
C PRO B 153 -28.22 -11.84 -11.00
N GLU B 154 -26.99 -12.26 -11.27
CA GLU B 154 -26.33 -11.94 -12.55
C GLU B 154 -26.60 -12.99 -13.62
N LEU B 155 -26.69 -14.26 -13.21
CA LEU B 155 -27.04 -15.34 -14.15
C LEU B 155 -28.52 -15.25 -14.55
N LYS B 156 -29.38 -14.90 -13.60
CA LYS B 156 -30.81 -14.69 -13.86
C LYS B 156 -31.47 -15.90 -14.53
N ILE B 157 -31.24 -17.08 -13.96
CA ILE B 157 -31.78 -18.33 -14.51
C ILE B 157 -33.29 -18.41 -14.27
N ASP B 158 -34.03 -18.72 -15.34
CA ASP B 158 -35.50 -18.76 -15.29
C ASP B 158 -35.99 -20.15 -14.86
N TRP B 159 -35.82 -20.46 -13.58
CA TRP B 159 -36.32 -21.72 -13.03
C TRP B 159 -37.85 -21.69 -13.06
N PRO B 160 -38.50 -22.72 -13.62
CA PRO B 160 -39.96 -22.85 -13.51
C PRO B 160 -40.39 -23.18 -12.07
N LEU B 161 -40.05 -22.30 -11.13
CA LEU B 161 -40.14 -22.63 -9.71
C LEU B 161 -41.30 -21.93 -9.00
N GLN B 162 -42.43 -22.62 -9.03
CA GLN B 162 -43.51 -22.48 -8.06
C GLN B 162 -43.09 -21.95 -6.68
N ASP B 163 -42.43 -22.79 -5.88
CA ASP B 163 -42.08 -22.46 -4.49
C ASP B 163 -40.59 -22.55 -4.24
N ALA B 164 -40.16 -22.02 -3.10
CA ALA B 164 -38.75 -22.02 -2.71
C ALA B 164 -38.20 -23.44 -2.70
N PRO B 165 -37.03 -23.65 -3.33
CA PRO B 165 -36.53 -25.03 -3.46
C PRO B 165 -36.02 -25.62 -2.14
N LEU B 166 -35.91 -26.95 -2.10
CA LEU B 166 -35.24 -27.67 -1.00
C LEU B 166 -33.81 -27.97 -1.45
N LEU B 167 -32.85 -27.40 -0.73
CA LEU B 167 -31.44 -27.45 -1.10
C LEU B 167 -30.65 -28.16 -0.01
N SER B 168 -29.51 -28.74 -0.39
CA SER B 168 -28.53 -29.17 0.60
C SER B 168 -27.88 -27.93 1.18
N GLU B 169 -27.24 -28.07 2.34
CA GLU B 169 -26.54 -26.95 2.99
C GLU B 169 -25.49 -26.30 2.08
N LYS B 170 -24.68 -27.13 1.43
CA LYS B 170 -23.62 -26.60 0.57
C LYS B 170 -24.12 -25.90 -0.69
N ASP B 171 -25.29 -26.29 -1.19
CA ASP B 171 -25.91 -25.58 -2.31
C ASP B 171 -26.51 -24.25 -1.84
N ARG B 172 -27.06 -24.25 -0.64
CA ARG B 172 -27.50 -23.02 0.03
C ARG B 172 -26.32 -22.03 0.17
N GLN B 173 -25.14 -22.58 0.46
CA GLN B 173 -23.92 -21.79 0.67
C GLN B 173 -23.12 -21.54 -0.62
N GLY B 174 -23.73 -21.78 -1.79
CA GLY B 174 -23.08 -21.54 -3.07
C GLY B 174 -22.58 -20.12 -3.24
N LYS B 175 -21.53 -19.94 -4.03
CA LYS B 175 -20.95 -18.62 -4.26
C LYS B 175 -21.73 -17.83 -5.30
N ALA B 176 -21.57 -16.51 -5.24
CA ALA B 176 -22.00 -15.63 -6.32
C ALA B 176 -21.12 -15.93 -7.54
N PHE B 177 -21.71 -15.84 -8.73
CA PHE B 177 -20.96 -16.03 -9.97
C PHE B 177 -19.75 -15.09 -10.04
N ALA B 178 -19.91 -13.86 -9.55
CA ALA B 178 -18.81 -12.88 -9.52
C ALA B 178 -17.61 -13.31 -8.67
N ASP B 179 -17.84 -14.17 -7.67
CA ASP B 179 -16.77 -14.64 -6.78
C ASP B 179 -16.30 -16.07 -7.05
N ALA B 180 -16.73 -16.64 -8.18
CA ALA B 180 -16.58 -18.07 -8.45
C ALA B 180 -15.26 -18.43 -9.14
N ASP B 181 -14.79 -19.65 -8.90
CA ASP B 181 -13.68 -20.24 -9.67
C ASP B 181 -14.15 -20.61 -11.06
N CYS B 182 -13.38 -20.22 -12.07
CA CYS B 182 -13.73 -20.46 -13.47
C CYS B 182 -12.63 -21.24 -14.21
N PHE B 183 -13.00 -21.80 -15.36
CA PHE B 183 -12.08 -22.57 -16.18
C PHE B 183 -11.39 -21.66 -17.20
N PRO B 184 -10.30 -22.14 -17.81
CA PRO B 184 -9.70 -21.39 -18.91
C PRO B 184 -10.59 -21.39 -20.16
#